data_5JGA
#
_entry.id   5JGA
#
_cell.length_a   58.009
_cell.length_b   133.796
_cell.length_c   141.374
_cell.angle_alpha   90.000
_cell.angle_beta   90.000
_cell.angle_gamma   90.000
#
_symmetry.space_group_name_H-M   'I 2 2 2'
#
loop_
_entity.id
_entity.type
_entity.pdbx_description
1 polymer 'TAK1 kinase - TAB1 chimera fusion protein'
2 non-polymer "N-[5-(4-methylpiperazine-1-carbonyl)[1,1'-biphenyl]-2-yl]-4-oxo-3,4-dihydrothieno[3,2-d]pyrimidine-7-carboxamide"
3 water water
#
_entity_poly.entity_id   1
_entity_poly.type   'polypeptide(L)'
_entity_poly.pdbx_seq_one_letter_code
;GPLHMIDYKEIEVEEVVGRGAFGVVCKAKWRAKDVAIKQIESESERKAFIVELRQLSRVNHPNIVKLYGACLNPVCLVME
YAEGGSLYNVLHGAEPLPYYTAAHAMSWCLQCSQGVAYLHSMQPKALIHRDLKPPNLLLVAGGTVLKICDFGTACDIQTH
MTNNKGSAAWMAPEVFEGSNYSEKCDVFSWGIILWEVITRRKPFDEIGGPAFRIMWAVHNGTRPPLIKNLPKPIESLMTR
CWSKDPSQRPSMEEIVKIMTHLMRYFPGADEPLQYPCQHSLPPGEDGRVEPYVDFAEFYRLWSVDHGEQSVVTAP
;
_entity_poly.pdbx_strand_id   A
#
loop_
_chem_comp.id
_chem_comp.type
_chem_comp.name
_chem_comp.formula
6KC non-polymer N-[5-(4-methylpiperazine-1-carbonyl)[1,1'-biphenyl]-2-yl]-4-oxo-3,4-dihydrothieno[3,2-d]pyrimidine-7-carboxamide 'C25 H23 N5 O3 S'
#
# COMPACT_ATOMS: atom_id res chain seq x y z
N GLY A 1 10.96 -18.81 -10.68
CA GLY A 1 10.49 -19.35 -12.00
C GLY A 1 11.08 -18.59 -13.19
N PRO A 2 10.21 -18.12 -14.12
CA PRO A 2 10.68 -17.39 -15.32
C PRO A 2 11.32 -16.04 -14.97
N LEU A 3 12.57 -15.86 -15.40
CA LEU A 3 13.34 -14.64 -15.19
C LEU A 3 14.33 -14.44 -16.32
N HIS A 4 14.16 -13.36 -17.06
CA HIS A 4 14.99 -13.08 -18.22
C HIS A 4 16.23 -12.26 -17.86
N MET A 5 17.37 -12.66 -18.40
CA MET A 5 18.58 -11.84 -18.40
C MET A 5 18.47 -10.97 -19.64
N ILE A 6 18.30 -9.67 -19.43
CA ILE A 6 17.85 -8.82 -20.52
C ILE A 6 18.99 -7.97 -21.06
N ASP A 7 19.10 -7.96 -22.40
CA ASP A 7 19.99 -7.07 -23.12
C ASP A 7 19.34 -5.69 -23.16
N TYR A 8 20.06 -4.68 -22.65
CA TYR A 8 19.57 -3.29 -22.56
C TYR A 8 19.15 -2.66 -23.90
N LYS A 9 19.85 -3.07 -24.97
CA LYS A 9 19.53 -2.64 -26.34
C LYS A 9 18.10 -2.97 -26.75
N GLU A 10 17.53 -4.01 -26.13
CA GLU A 10 16.17 -4.46 -26.38
C GLU A 10 15.10 -3.61 -25.65
N ILE A 11 15.56 -2.72 -24.75
CA ILE A 11 14.69 -1.84 -23.97
C ILE A 11 14.63 -0.43 -24.58
N GLU A 12 13.46 -0.07 -25.11
CA GLU A 12 13.19 1.30 -25.55
C GLU A 12 12.63 2.12 -24.38
N VAL A 13 13.52 2.86 -23.72
CA VAL A 13 13.19 3.66 -22.54
C VAL A 13 12.43 4.94 -22.95
N GLU A 14 11.18 5.03 -22.52
CA GLU A 14 10.35 6.24 -22.71
C GLU A 14 10.64 7.24 -21.58
N GLU A 15 9.58 7.83 -21.00
CA GLU A 15 9.75 8.86 -19.96
C GLU A 15 10.05 8.32 -18.55
N VAL A 16 10.65 9.16 -17.71
CA VAL A 16 10.74 8.92 -16.27
C VAL A 16 9.33 9.08 -15.67
N VAL A 17 8.87 8.07 -14.93
CA VAL A 17 7.56 8.12 -14.27
C VAL A 17 7.64 8.44 -12.77
N GLY A 18 8.82 8.28 -12.17
CA GLY A 18 9.03 8.65 -10.78
C GLY A 18 10.22 7.98 -10.11
N ARG A 19 10.43 8.32 -8.84
CA ARG A 19 11.43 7.63 -8.03
C ARG A 19 10.69 6.63 -7.16
N GLY A 20 11.16 5.38 -7.19
CA GLY A 20 10.71 4.36 -6.26
C GLY A 20 11.25 4.68 -4.88
N ALA A 21 11.01 3.76 -3.95
CA ALA A 21 11.59 3.85 -2.60
C ALA A 21 13.12 3.97 -2.70
N PHE A 22 13.70 3.25 -3.66
CA PHE A 22 15.05 3.52 -4.18
C PHE A 22 14.97 3.61 -5.72
N GLY A 23 16.03 4.15 -6.32
CA GLY A 23 16.20 4.18 -7.76
C GLY A 23 15.22 5.06 -8.52
N VAL A 24 15.27 4.94 -9.84
CA VAL A 24 14.44 5.74 -10.72
C VAL A 24 13.64 4.80 -11.61
N VAL A 25 12.37 5.11 -11.80
CA VAL A 25 11.46 4.26 -12.57
C VAL A 25 11.10 4.98 -13.87
N CYS A 26 11.26 4.26 -14.98
CA CYS A 26 10.92 4.80 -16.28
C CYS A 26 9.91 3.91 -16.93
N LYS A 27 8.99 4.53 -17.67
CA LYS A 27 8.14 3.78 -18.59
C LYS A 27 9.03 3.34 -19.75
N ALA A 28 8.84 2.12 -20.22
CA ALA A 28 9.65 1.57 -21.31
C ALA A 28 8.89 0.55 -22.14
N LYS A 29 9.49 0.15 -23.25
CA LYS A 29 9.01 -0.98 -24.04
C LYS A 29 10.08 -2.04 -24.20
N TRP A 30 9.64 -3.29 -24.15
CA TRP A 30 10.49 -4.47 -24.25
C TRP A 30 9.60 -5.59 -24.75
N ARG A 31 10.01 -6.25 -25.85
CA ARG A 31 9.22 -7.27 -26.55
C ARG A 31 7.81 -6.76 -26.90
N ALA A 32 7.75 -5.52 -27.41
CA ALA A 32 6.50 -4.79 -27.73
C ALA A 32 5.50 -4.61 -26.57
N LYS A 33 5.96 -4.91 -25.35
CA LYS A 33 5.16 -4.82 -24.13
C LYS A 33 5.57 -3.58 -23.33
N ASP A 34 4.58 -2.92 -22.71
CA ASP A 34 4.84 -1.84 -21.75
C ASP A 34 5.43 -2.43 -20.49
N VAL A 35 6.56 -1.88 -20.06
CA VAL A 35 7.23 -2.32 -18.83
C VAL A 35 7.63 -1.09 -18.04
N ALA A 36 7.93 -1.29 -16.77
CA ALA A 36 8.64 -0.29 -15.99
C ALA A 36 10.05 -0.78 -15.79
N ILE A 37 11.02 0.13 -15.91
CA ILE A 37 12.40 -0.21 -15.62
C ILE A 37 12.87 0.59 -14.41
N LYS A 38 13.46 -0.10 -13.44
CA LYS A 38 13.98 0.57 -12.27
C LYS A 38 15.50 0.49 -12.28
N GLN A 39 16.13 1.65 -12.29
CA GLN A 39 17.58 1.78 -12.41
C GLN A 39 18.14 2.40 -11.15
N ILE A 40 19.24 1.83 -10.67
CA ILE A 40 19.97 2.45 -9.55
C ILE A 40 20.75 3.65 -10.06
N GLU A 41 20.81 4.69 -9.24
CA GLU A 41 21.55 5.91 -9.55
C GLU A 41 22.87 5.94 -8.77
N SER A 42 22.77 5.87 -7.44
CA SER A 42 23.93 5.77 -6.56
C SER A 42 24.46 4.35 -6.51
N GLU A 43 25.72 4.21 -6.14
CA GLU A 43 26.33 2.90 -5.89
C GLU A 43 25.79 2.28 -4.58
N SER A 44 25.28 3.14 -3.71
CA SER A 44 24.69 2.74 -2.43
C SER A 44 23.39 1.93 -2.59
N GLU A 45 22.63 2.26 -3.63
CA GLU A 45 21.33 1.63 -3.92
C GLU A 45 21.46 0.18 -4.41
N ARG A 46 22.70 -0.32 -4.51
CA ARG A 46 22.99 -1.69 -4.94
C ARG A 46 22.47 -2.76 -3.97
N LYS A 47 22.48 -2.45 -2.68
CA LYS A 47 21.99 -3.39 -1.64
C LYS A 47 20.49 -3.63 -1.82
N ALA A 48 19.72 -2.54 -1.84
CA ALA A 48 18.27 -2.58 -2.07
C ALA A 48 17.95 -3.32 -3.37
N PHE A 49 18.81 -3.16 -4.38
CA PHE A 49 18.66 -3.78 -5.68
C PHE A 49 18.77 -5.31 -5.66
N ILE A 50 19.85 -5.83 -5.09
CA ILE A 50 20.06 -7.28 -4.93
C ILE A 50 18.93 -7.90 -4.08
N VAL A 51 18.58 -7.23 -2.98
CA VAL A 51 17.48 -7.65 -2.10
C VAL A 51 16.20 -7.78 -2.91
N GLU A 52 15.81 -6.68 -3.59
CA GLU A 52 14.58 -6.67 -4.37
C GLU A 52 14.61 -7.73 -5.47
N LEU A 53 15.73 -7.84 -6.18
CA LEU A 53 15.88 -8.85 -7.24
C LEU A 53 15.65 -10.27 -6.69
N ARG A 54 16.28 -10.56 -5.56
CA ARG A 54 16.11 -11.85 -4.90
C ARG A 54 14.65 -12.06 -4.43
N GLN A 55 14.10 -11.08 -3.70
CA GLN A 55 12.74 -11.20 -3.14
C GLN A 55 11.64 -11.27 -4.20
N LEU A 56 11.65 -10.33 -5.15
CA LEU A 56 10.65 -10.28 -6.22
C LEU A 56 10.66 -11.49 -7.14
N SER A 57 11.84 -12.10 -7.35
CA SER A 57 11.92 -13.31 -8.18
C SER A 57 11.35 -14.52 -7.46
N ARG A 58 11.35 -14.50 -6.12
CA ARG A 58 10.74 -15.55 -5.31
C ARG A 58 9.22 -15.55 -5.36
N VAL A 59 8.62 -14.37 -5.50
CA VAL A 59 7.17 -14.20 -5.25
C VAL A 59 6.35 -14.23 -6.53
N ASN A 60 5.19 -14.87 -6.45
CA ASN A 60 4.25 -14.91 -7.56
C ASN A 60 2.82 -14.81 -7.01
N HIS A 61 2.24 -13.61 -7.08
CA HIS A 61 0.91 -13.36 -6.53
C HIS A 61 0.25 -12.23 -7.32
N PRO A 62 -1.09 -12.31 -7.56
CA PRO A 62 -1.81 -11.25 -8.30
C PRO A 62 -1.70 -9.84 -7.68
N ASN A 63 -1.42 -9.75 -6.38
CA ASN A 63 -1.31 -8.43 -5.75
C ASN A 63 0.12 -8.01 -5.43
N ILE A 64 1.07 -8.56 -6.19
CA ILE A 64 2.47 -8.18 -6.10
C ILE A 64 2.98 -7.94 -7.52
N VAL A 65 3.64 -6.81 -7.73
CA VAL A 65 4.17 -6.44 -9.05
C VAL A 65 5.00 -7.59 -9.70
N LYS A 66 4.78 -7.82 -11.00
CA LYS A 66 5.53 -8.84 -11.74
C LYS A 66 6.94 -8.37 -12.07
N LEU A 67 7.91 -9.25 -11.87
CA LEU A 67 9.29 -9.01 -12.32
C LEU A 67 9.56 -9.86 -13.57
N TYR A 68 9.73 -9.22 -14.72
CA TYR A 68 10.03 -9.93 -15.96
C TYR A 68 11.50 -10.36 -16.05
N GLY A 69 12.39 -9.47 -15.62
CA GLY A 69 13.80 -9.74 -15.68
C GLY A 69 14.71 -8.67 -15.13
N ALA A 70 16.01 -8.86 -15.41
CA ALA A 70 17.06 -7.97 -14.95
C ALA A 70 18.11 -7.79 -16.02
N CYS A 71 18.63 -6.56 -16.09
CA CYS A 71 19.76 -6.23 -16.92
C CYS A 71 20.91 -5.89 -15.97
N LEU A 72 22.13 -6.18 -16.39
CA LEU A 72 23.32 -5.84 -15.59
C LEU A 72 24.27 -4.86 -16.31
N ASN A 73 23.96 -4.54 -17.56
CA ASN A 73 24.64 -3.47 -18.33
C ASN A 73 23.64 -2.51 -19.00
N PRO A 74 23.16 -1.47 -18.32
CA PRO A 74 23.44 -1.20 -16.89
C PRO A 74 22.47 -1.94 -15.95
N VAL A 75 22.81 -1.92 -14.66
CA VAL A 75 22.08 -2.62 -13.60
C VAL A 75 20.66 -2.04 -13.45
N CYS A 76 19.66 -2.82 -13.90
CA CYS A 76 18.26 -2.42 -13.83
C CYS A 76 17.28 -3.58 -13.81
N LEU A 77 16.14 -3.38 -13.14
CA LEU A 77 15.05 -4.36 -13.11
C LEU A 77 13.99 -4.03 -14.15
N VAL A 78 13.46 -5.06 -14.78
CA VAL A 78 12.40 -4.90 -15.77
C VAL A 78 11.13 -5.51 -15.18
N MET A 79 10.17 -4.65 -14.91
CA MET A 79 8.96 -5.02 -14.17
C MET A 79 7.69 -4.66 -14.92
N GLU A 80 6.58 -5.15 -14.38
CA GLU A 80 5.23 -4.77 -14.79
C GLU A 80 5.07 -3.26 -14.70
N TYR A 81 4.48 -2.67 -15.72
CA TYR A 81 4.20 -1.25 -15.71
C TYR A 81 2.80 -1.03 -15.13
N ALA A 82 2.69 -0.15 -14.13
CA ALA A 82 1.39 0.10 -13.51
C ALA A 82 0.78 1.39 -14.04
N GLU A 83 -0.10 1.23 -15.03
CA GLU A 83 -0.68 2.37 -15.76
C GLU A 83 -1.45 3.35 -14.85
N GLY A 84 -2.03 2.83 -13.75
CA GLY A 84 -2.74 3.68 -12.80
C GLY A 84 -1.89 4.43 -11.78
N GLY A 85 -0.56 4.26 -11.83
CA GLY A 85 0.34 4.94 -10.87
C GLY A 85 0.16 4.43 -9.44
N SER A 86 0.62 5.22 -8.47
CA SER A 86 0.60 4.82 -7.07
C SER A 86 -0.72 5.17 -6.37
N LEU A 87 -1.07 4.39 -5.36
CA LEU A 87 -2.21 4.73 -4.51
C LEU A 87 -2.05 6.11 -3.88
N TYR A 88 -0.82 6.44 -3.43
CA TYR A 88 -0.57 7.74 -2.82
C TYR A 88 -1.00 8.90 -3.74
N ASN A 89 -0.68 8.80 -5.03
CA ASN A 89 -1.05 9.81 -6.04
C ASN A 89 -2.57 9.87 -6.31
N VAL A 90 -3.21 8.71 -6.38
CA VAL A 90 -4.69 8.61 -6.44
C VAL A 90 -5.31 9.35 -5.24
N LEU A 91 -4.80 9.08 -4.05
CA LEU A 91 -5.36 9.68 -2.82
C LEU A 91 -5.05 11.16 -2.65
N HIS A 92 -3.78 11.52 -2.86
CA HIS A 92 -3.28 12.80 -2.38
C HIS A 92 -2.59 13.67 -3.44
N GLY A 93 -2.53 13.20 -4.69
CA GLY A 93 -1.81 13.89 -5.76
C GLY A 93 -2.44 15.19 -6.25
N ALA A 94 -1.96 15.66 -7.39
CA ALA A 94 -2.43 16.93 -7.95
C ALA A 94 -3.87 16.80 -8.47
N GLU A 95 -4.66 17.86 -8.25
CA GLU A 95 -6.02 17.96 -8.79
C GLU A 95 -5.95 18.08 -10.32
N PRO A 96 -6.91 17.51 -11.08
CA PRO A 96 -8.09 16.81 -10.57
C PRO A 96 -7.81 15.39 -10.05
N LEU A 97 -8.35 15.10 -8.88
CA LEU A 97 -8.24 13.77 -8.26
C LEU A 97 -9.44 12.90 -8.64
N PRO A 98 -9.26 11.57 -8.74
CA PRO A 98 -10.44 10.74 -8.99
C PRO A 98 -11.38 10.63 -7.78
N TYR A 99 -12.67 10.54 -8.06
CA TYR A 99 -13.65 10.10 -7.10
C TYR A 99 -13.41 8.61 -6.83
N TYR A 100 -13.58 8.19 -5.60
CA TYR A 100 -13.62 6.74 -5.30
C TYR A 100 -14.59 6.47 -4.16
N THR A 101 -14.99 5.21 -4.02
CA THR A 101 -16.07 4.84 -3.12
C THR A 101 -15.54 4.03 -1.94
N ALA A 102 -16.40 3.86 -0.93
CA ALA A 102 -16.14 2.91 0.17
C ALA A 102 -15.73 1.53 -0.35
N ALA A 103 -16.34 1.09 -1.45
CA ALA A 103 -16.09 -0.21 -2.03
C ALA A 103 -14.64 -0.26 -2.53
N HIS A 104 -14.21 0.80 -3.23
CA HIS A 104 -12.81 0.93 -3.66
C HIS A 104 -11.86 0.87 -2.47
N ALA A 105 -12.14 1.69 -1.44
CA ALA A 105 -11.29 1.79 -0.26
C ALA A 105 -11.11 0.40 0.39
N MET A 106 -12.20 -0.32 0.56
CA MET A 106 -12.16 -1.62 1.21
C MET A 106 -11.45 -2.66 0.32
N SER A 107 -11.73 -2.60 -0.98
CA SER A 107 -11.15 -3.50 -1.97
C SER A 107 -9.63 -3.35 -2.05
N TRP A 108 -9.16 -2.09 -2.10
CA TRP A 108 -7.72 -1.85 -2.09
C TRP A 108 -7.06 -2.44 -0.85
N CYS A 109 -7.67 -2.23 0.32
CA CYS A 109 -7.08 -2.77 1.55
C CYS A 109 -7.17 -4.29 1.61
N LEU A 110 -8.27 -4.87 1.14
CA LEU A 110 -8.33 -6.33 1.04
C LEU A 110 -7.20 -6.85 0.15
N GLN A 111 -7.02 -6.24 -1.02
CA GLN A 111 -6.03 -6.73 -1.98
C GLN A 111 -4.62 -6.59 -1.42
N CYS A 112 -4.35 -5.49 -0.72
CA CYS A 112 -3.08 -5.30 -0.02
C CYS A 112 -2.86 -6.42 1.00
N SER A 113 -3.88 -6.70 1.82
CA SER A 113 -3.79 -7.78 2.82
C SER A 113 -3.55 -9.15 2.19
N GLN A 114 -4.13 -9.40 1.02
CA GLN A 114 -3.95 -10.66 0.31
C GLN A 114 -2.48 -10.84 -0.14
N GLY A 115 -1.89 -9.79 -0.70
CA GLY A 115 -0.47 -9.78 -1.06
C GLY A 115 0.44 -10.02 0.15
N VAL A 116 0.19 -9.27 1.22
CA VAL A 116 0.99 -9.37 2.44
C VAL A 116 0.83 -10.74 3.13
N ALA A 117 -0.41 -11.28 3.16
CA ALA A 117 -0.63 -12.63 3.72
C ALA A 117 0.17 -13.68 2.94
N TYR A 118 0.26 -13.51 1.63
CA TYR A 118 1.08 -14.39 0.80
C TYR A 118 2.56 -14.29 1.22
N LEU A 119 3.06 -13.05 1.37
CA LEU A 119 4.41 -12.81 1.88
C LEU A 119 4.66 -13.49 3.25
N HIS A 120 3.72 -13.31 4.19
CA HIS A 120 3.88 -13.85 5.54
C HIS A 120 3.78 -15.37 5.60
N SER A 121 3.30 -16.00 4.53
CA SER A 121 3.16 -17.46 4.45
C SER A 121 4.32 -18.17 3.71
N MET A 122 5.31 -17.41 3.24
CA MET A 122 6.43 -17.99 2.50
C MET A 122 7.24 -18.96 3.36
N GLN A 123 7.78 -19.99 2.71
CA GLN A 123 8.62 -21.01 3.35
C GLN A 123 10.04 -20.90 2.77
N PRO A 124 11.10 -21.18 3.55
CA PRO A 124 11.02 -21.61 4.95
C PRO A 124 10.86 -20.47 5.95
N LYS A 125 11.05 -19.23 5.48
CA LYS A 125 10.87 -18.03 6.29
C LYS A 125 9.83 -17.09 5.68
N ALA A 126 9.03 -16.49 6.55
CA ALA A 126 8.13 -15.41 6.17
C ALA A 126 8.92 -14.23 5.56
N LEU A 127 8.37 -13.66 4.50
CA LEU A 127 8.87 -12.42 3.95
C LEU A 127 8.13 -11.22 4.55
N ILE A 128 8.87 -10.29 5.14
CA ILE A 128 8.28 -9.08 5.71
C ILE A 128 8.55 -7.92 4.76
N HIS A 129 7.52 -7.16 4.40
CA HIS A 129 7.69 -6.04 3.47
C HIS A 129 8.47 -4.89 4.14
N ARG A 130 8.04 -4.53 5.35
CA ARG A 130 8.68 -3.51 6.23
C ARG A 130 8.49 -2.05 5.82
N ASP A 131 7.92 -1.80 4.64
CA ASP A 131 7.72 -0.44 4.16
C ASP A 131 6.38 -0.28 3.42
N LEU A 132 5.33 -0.88 3.99
CA LEU A 132 3.99 -0.77 3.44
C LEU A 132 3.42 0.63 3.64
N LYS A 133 3.03 1.25 2.53
CA LYS A 133 2.52 2.64 2.51
C LYS A 133 2.01 2.91 1.10
N PRO A 134 1.05 3.85 0.94
CA PRO A 134 0.50 4.03 -0.40
C PRO A 134 1.48 4.43 -1.52
N PRO A 135 2.64 5.10 -1.21
CA PRO A 135 3.61 5.25 -2.33
C PRO A 135 4.08 3.94 -2.94
N ASN A 136 4.04 2.87 -2.17
CA ASN A 136 4.51 1.55 -2.58
C ASN A 136 3.40 0.59 -2.99
N LEU A 137 2.22 1.16 -3.21
CA LEU A 137 1.06 0.40 -3.66
C LEU A 137 0.66 0.96 -5.00
N LEU A 138 0.57 0.10 -6.01
CA LEU A 138 0.32 0.54 -7.39
C LEU A 138 -1.05 0.09 -7.82
N LEU A 139 -1.61 0.80 -8.81
CA LEU A 139 -2.92 0.48 -9.35
C LEU A 139 -2.88 0.18 -10.85
N VAL A 140 -3.62 -0.86 -11.24
CA VAL A 140 -3.83 -1.23 -12.64
C VAL A 140 -5.33 -1.48 -12.87
N ALA A 141 -5.69 -1.76 -14.12
CA ALA A 141 -7.04 -2.12 -14.56
C ALA A 141 -8.07 -1.06 -14.17
N GLY A 142 -7.81 0.17 -14.57
CA GLY A 142 -8.68 1.32 -14.25
C GLY A 142 -8.75 1.67 -12.76
N GLY A 143 -7.65 1.43 -12.04
CA GLY A 143 -7.59 1.73 -10.61
C GLY A 143 -8.26 0.71 -9.70
N THR A 144 -8.63 -0.45 -10.23
CA THR A 144 -9.42 -1.44 -9.47
C THR A 144 -8.57 -2.59 -8.88
N VAL A 145 -7.36 -2.76 -9.39
CA VAL A 145 -6.49 -3.87 -8.96
C VAL A 145 -5.25 -3.24 -8.33
N LEU A 146 -4.91 -3.68 -7.12
CA LEU A 146 -3.76 -3.14 -6.40
C LEU A 146 -2.62 -4.16 -6.37
N LYS A 147 -1.40 -3.64 -6.55
CA LYS A 147 -0.16 -4.44 -6.46
C LYS A 147 0.87 -3.80 -5.55
N ILE A 148 1.43 -4.61 -4.66
CA ILE A 148 2.51 -4.17 -3.80
C ILE A 148 3.81 -4.13 -4.60
N CYS A 149 4.61 -3.11 -4.34
CA CYS A 149 5.93 -2.98 -4.93
C CYS A 149 6.93 -2.50 -3.89
N ASP A 150 8.15 -2.26 -4.36
CA ASP A 150 9.24 -1.70 -3.57
C ASP A 150 9.61 -2.57 -2.38
N PHE A 151 10.19 -3.71 -2.78
CA PHE A 151 10.68 -4.78 -1.93
C PHE A 151 12.18 -4.66 -1.60
N GLY A 152 12.75 -3.48 -1.85
CA GLY A 152 14.17 -3.21 -1.57
C GLY A 152 14.55 -3.23 -0.09
N THR A 153 13.55 -3.13 0.77
CA THR A 153 13.74 -3.17 2.22
C THR A 153 13.15 -4.45 2.85
N ALA A 154 12.65 -5.35 1.99
CA ALA A 154 12.04 -6.60 2.44
C ALA A 154 13.08 -7.65 2.82
N GLY A 166 11.01 9.05 5.41
CA GLY A 166 9.79 9.19 4.62
C GLY A 166 8.64 8.33 5.12
N SER A 167 8.96 7.27 5.88
CA SER A 167 8.02 6.19 6.23
C SER A 167 7.53 6.13 7.70
N ALA A 168 7.90 7.12 8.50
CA ALA A 168 7.57 7.13 9.94
C ALA A 168 6.05 7.06 10.21
N ALA A 169 5.25 7.68 9.34
CA ALA A 169 3.80 7.76 9.56
C ALA A 169 3.08 6.40 9.46
N TRP A 170 3.73 5.41 8.85
CA TRP A 170 3.19 4.05 8.69
C TRP A 170 3.96 2.98 9.49
N MET A 171 4.95 3.41 10.27
CA MET A 171 5.90 2.46 10.89
C MET A 171 5.46 2.03 12.28
N ALA A 172 5.47 0.72 12.55
CA ALA A 172 5.14 0.20 13.89
C ALA A 172 6.16 0.73 14.92
N PRO A 173 5.72 1.10 16.14
CA PRO A 173 6.67 1.72 17.08
C PRO A 173 7.85 0.83 17.49
N GLU A 174 7.66 -0.50 17.56
CA GLU A 174 8.75 -1.43 17.84
C GLU A 174 9.85 -1.45 16.77
N VAL A 175 9.54 -1.00 15.56
CA VAL A 175 10.53 -0.97 14.48
C VAL A 175 11.53 0.16 14.70
N PHE A 176 11.03 1.39 14.92
CA PHE A 176 11.92 2.54 15.17
C PHE A 176 12.48 2.61 16.60
N GLU A 177 11.89 1.83 17.51
CA GLU A 177 12.44 1.67 18.85
C GLU A 177 13.64 0.72 18.90
N GLY A 178 14.07 0.27 17.72
CA GLY A 178 15.17 -0.68 17.59
C GLY A 178 14.88 -2.04 18.19
N SER A 179 13.67 -2.20 18.74
CA SER A 179 13.21 -3.46 19.34
C SER A 179 13.09 -4.55 18.29
N ASN A 180 13.22 -5.80 18.75
CA ASN A 180 12.95 -6.96 17.91
C ASN A 180 11.50 -6.94 17.41
N TYR A 181 11.33 -7.23 16.13
CA TYR A 181 10.02 -7.17 15.51
C TYR A 181 9.78 -8.34 14.57
N SER A 182 8.53 -8.48 14.15
CA SER A 182 8.05 -9.61 13.38
C SER A 182 7.22 -9.10 12.21
N GLU A 183 6.58 -10.03 11.51
CA GLU A 183 5.65 -9.70 10.44
C GLU A 183 4.50 -8.78 10.92
N LYS A 184 4.29 -8.72 12.24
CA LYS A 184 3.27 -7.85 12.82
C LYS A 184 3.51 -6.35 12.54
N CYS A 185 4.74 -5.97 12.20
CA CYS A 185 4.98 -4.59 11.77
C CYS A 185 4.18 -4.22 10.50
N ASP A 186 4.05 -5.15 9.56
CA ASP A 186 3.25 -4.95 8.34
C ASP A 186 1.76 -4.76 8.65
N VAL A 187 1.31 -5.39 9.73
CA VAL A 187 -0.10 -5.31 10.17
C VAL A 187 -0.41 -3.90 10.67
N PHE A 188 0.49 -3.34 11.49
CA PHE A 188 0.36 -1.96 11.92
C PHE A 188 0.25 -1.00 10.72
N SER A 189 1.19 -1.12 9.77
CA SER A 189 1.21 -0.32 8.55
C SER A 189 -0.14 -0.43 7.81
N TRP A 190 -0.61 -1.67 7.64
CA TRP A 190 -1.91 -1.91 7.00
C TRP A 190 -3.06 -1.14 7.70
N GLY A 191 -3.11 -1.16 9.03
CA GLY A 191 -4.11 -0.41 9.83
C GLY A 191 -4.11 1.08 9.52
N ILE A 192 -2.90 1.65 9.38
CA ILE A 192 -2.76 3.09 9.06
C ILE A 192 -3.29 3.36 7.65
N ILE A 193 -2.96 2.47 6.71
CA ILE A 193 -3.43 2.57 5.33
C ILE A 193 -4.96 2.52 5.26
N LEU A 194 -5.55 1.62 6.05
CA LEU A 194 -7.01 1.53 6.13
C LEU A 194 -7.64 2.86 6.54
N TRP A 195 -7.08 3.47 7.59
CA TRP A 195 -7.51 4.80 8.02
C TRP A 195 -7.35 5.80 6.88
N GLU A 196 -6.19 5.73 6.21
CA GLU A 196 -5.82 6.68 5.16
C GLU A 196 -6.76 6.67 3.96
N VAL A 197 -7.10 5.47 3.45
CA VAL A 197 -8.01 5.38 2.30
C VAL A 197 -9.47 5.77 2.65
N ILE A 198 -9.88 5.47 3.88
CA ILE A 198 -11.23 5.83 4.35
C ILE A 198 -11.39 7.35 4.52
N THR A 199 -10.35 7.99 5.07
CA THR A 199 -10.42 9.43 5.37
C THR A 199 -9.93 10.30 4.23
N ARG A 200 -9.21 9.70 3.26
CA ARG A 200 -8.44 10.44 2.26
C ARG A 200 -7.59 11.57 2.90
N ARG A 201 -6.98 11.25 4.06
CA ARG A 201 -6.05 12.15 4.78
C ARG A 201 -4.68 11.52 4.89
N LYS A 202 -3.64 12.36 4.94
CA LYS A 202 -2.28 11.88 5.18
C LYS A 202 -2.13 11.63 6.68
N PRO A 203 -1.73 10.40 7.06
CA PRO A 203 -1.61 10.14 8.50
C PRO A 203 -0.55 11.05 9.14
N PHE A 204 -0.89 11.61 10.30
CA PHE A 204 -0.02 12.50 11.09
C PHE A 204 0.45 13.76 10.35
N ASP A 205 -0.38 14.23 9.41
CA ASP A 205 -0.08 15.41 8.61
C ASP A 205 0.00 16.66 9.50
N GLU A 206 -0.85 16.70 10.53
CA GLU A 206 -0.92 17.79 11.50
C GLU A 206 0.36 17.94 12.36
N ILE A 207 1.04 16.83 12.62
CA ILE A 207 2.32 16.83 13.33
C ILE A 207 3.40 17.40 12.42
N GLY A 208 3.65 16.73 11.30
CA GLY A 208 4.70 17.11 10.36
C GLY A 208 6.05 17.15 11.04
N GLY A 209 6.71 18.33 10.96
CA GLY A 209 8.09 18.53 11.40
C GLY A 209 9.03 17.58 10.68
N PRO A 210 10.16 17.20 11.33
CA PRO A 210 10.91 16.06 10.81
C PRO A 210 10.37 14.74 11.39
N ALA A 211 10.79 13.62 10.81
CA ALA A 211 10.30 12.27 11.13
C ALA A 211 10.25 11.94 12.62
N PHE A 212 11.28 12.34 13.37
CA PHE A 212 11.37 12.05 14.81
C PHE A 212 10.18 12.56 15.63
N ARG A 213 9.52 13.62 15.15
CA ARG A 213 8.32 14.14 15.83
C ARG A 213 7.12 13.18 15.72
N ILE A 214 7.02 12.50 14.57
CA ILE A 214 6.00 11.46 14.35
C ILE A 214 6.33 10.24 15.21
N MET A 215 7.59 9.81 15.16
CA MET A 215 8.07 8.68 15.97
C MET A 215 7.80 8.86 17.46
N TRP A 216 8.10 10.05 17.98
CA TRP A 216 7.83 10.37 19.37
C TRP A 216 6.32 10.26 19.68
N ALA A 217 5.50 10.86 18.83
CA ALA A 217 4.05 10.84 19.01
C ALA A 217 3.53 9.39 19.04
N VAL A 218 3.86 8.60 18.02
CA VAL A 218 3.40 7.21 17.90
C VAL A 218 3.92 6.36 19.08
N HIS A 219 5.18 6.60 19.46
CA HIS A 219 5.82 5.93 20.61
C HIS A 219 5.06 6.16 21.90
N ASN A 220 4.53 7.36 22.08
CA ASN A 220 3.70 7.71 23.23
C ASN A 220 2.24 7.27 23.16
N GLY A 221 1.86 6.58 22.06
CA GLY A 221 0.50 6.08 21.92
C GLY A 221 -0.45 6.90 21.05
N THR A 222 0.06 7.93 20.39
CA THR A 222 -0.74 8.71 19.43
C THR A 222 -1.04 7.84 18.22
N ARG A 223 -2.32 7.85 17.84
CA ARG A 223 -2.81 7.14 16.67
C ARG A 223 -3.64 8.12 15.86
N PRO A 224 -3.97 7.78 14.59
CA PRO A 224 -4.81 8.73 13.84
C PRO A 224 -6.18 8.91 14.51
N PRO A 225 -6.83 10.08 14.31
CA PRO A 225 -8.13 10.27 14.97
C PRO A 225 -9.19 9.26 14.51
N LEU A 226 -10.13 8.97 15.40
CA LEU A 226 -11.23 8.07 15.05
C LEU A 226 -12.16 8.71 14.03
N ILE A 227 -12.93 7.86 13.34
CA ILE A 227 -13.66 8.27 12.16
C ILE A 227 -15.14 8.26 12.52
N LYS A 228 -15.81 9.40 12.29
CA LYS A 228 -17.22 9.55 12.64
C LYS A 228 -18.06 8.57 11.82
N ASN A 229 -18.96 7.86 12.49
CA ASN A 229 -19.92 6.94 11.81
C ASN A 229 -19.23 5.73 11.14
N LEU A 230 -17.97 5.46 11.51
CA LEU A 230 -17.30 4.27 10.99
C LEU A 230 -17.98 3.02 11.57
N PRO A 231 -18.33 2.04 10.72
CA PRO A 231 -18.92 0.80 11.25
C PRO A 231 -18.03 0.16 12.31
N LYS A 232 -18.64 -0.25 13.43
CA LYS A 232 -17.88 -0.81 14.57
C LYS A 232 -16.93 -1.97 14.21
N PRO A 233 -17.36 -2.91 13.34
CA PRO A 233 -16.40 -3.94 12.96
C PRO A 233 -15.15 -3.43 12.21
N ILE A 234 -15.29 -2.37 11.40
CA ILE A 234 -14.15 -1.81 10.70
C ILE A 234 -13.28 -1.08 11.71
N GLU A 235 -13.92 -0.34 12.61
CA GLU A 235 -13.20 0.34 13.69
C GLU A 235 -12.38 -0.62 14.56
N SER A 236 -13.01 -1.75 14.96
CA SER A 236 -12.32 -2.76 15.77
C SER A 236 -11.09 -3.29 15.05
N LEU A 237 -11.27 -3.63 13.76
CA LEU A 237 -10.17 -4.20 13.00
C LEU A 237 -9.01 -3.19 12.93
N MET A 238 -9.34 -1.96 12.57
CA MET A 238 -8.38 -0.88 12.43
C MET A 238 -7.56 -0.66 13.70
N THR A 239 -8.26 -0.45 14.82
CA THR A 239 -7.60 -0.14 16.10
C THR A 239 -6.85 -1.35 16.68
N ARG A 240 -7.33 -2.58 16.43
CA ARG A 240 -6.53 -3.78 16.74
C ARG A 240 -5.19 -3.82 16.00
N CYS A 241 -5.21 -3.45 14.72
CA CYS A 241 -3.99 -3.47 13.89
C CYS A 241 -2.96 -2.49 14.42
N TRP A 242 -3.41 -1.40 15.01
CA TRP A 242 -2.44 -0.46 15.53
C TRP A 242 -2.16 -0.48 17.05
N SER A 243 -2.46 -1.63 17.66
CA SER A 243 -2.05 -1.94 19.03
C SER A 243 -0.53 -1.74 19.21
N LYS A 244 -0.18 -1.09 20.32
CA LYS A 244 1.21 -0.95 20.75
C LYS A 244 1.86 -2.34 20.82
N ASP A 245 1.22 -3.28 21.51
CA ASP A 245 1.72 -4.64 21.66
C ASP A 245 1.48 -5.43 20.36
N PRO A 246 2.56 -5.82 19.66
CA PRO A 246 2.42 -6.51 18.37
C PRO A 246 1.65 -7.82 18.46
N SER A 247 1.70 -8.50 19.62
CA SER A 247 0.99 -9.78 19.78
C SER A 247 -0.55 -9.65 19.85
N GLN A 248 -1.04 -8.46 20.14
CA GLN A 248 -2.47 -8.15 20.14
C GLN A 248 -3.01 -7.79 18.75
N ARG A 249 -2.12 -7.57 17.79
CA ARG A 249 -2.51 -7.27 16.40
C ARG A 249 -2.93 -8.57 15.70
N PRO A 250 -3.96 -8.52 14.82
CA PRO A 250 -4.28 -9.77 14.12
C PRO A 250 -3.20 -10.19 13.13
N SER A 251 -3.20 -11.47 12.75
CA SER A 251 -2.36 -11.93 11.65
C SER A 251 -2.98 -11.46 10.33
N MET A 252 -2.19 -11.42 9.27
CA MET A 252 -2.71 -11.03 7.95
C MET A 252 -3.76 -11.99 7.41
N GLU A 253 -3.60 -13.27 7.71
CA GLU A 253 -4.58 -14.29 7.38
C GLU A 253 -5.98 -13.96 7.93
N GLU A 254 -6.05 -13.52 9.18
CA GLU A 254 -7.30 -13.10 9.80
C GLU A 254 -7.88 -11.84 9.11
N ILE A 255 -7.01 -10.88 8.79
CA ILE A 255 -7.42 -9.65 8.11
C ILE A 255 -8.01 -10.01 6.73
N VAL A 256 -7.34 -10.87 5.96
CA VAL A 256 -7.87 -11.29 4.65
C VAL A 256 -9.30 -11.85 4.80
N LYS A 257 -9.48 -12.76 5.75
CA LYS A 257 -10.79 -13.39 6.01
C LYS A 257 -11.86 -12.37 6.37
N ILE A 258 -11.57 -11.50 7.34
CA ILE A 258 -12.50 -10.44 7.76
C ILE A 258 -12.87 -9.50 6.60
N MET A 259 -11.85 -9.01 5.90
CA MET A 259 -12.06 -8.11 4.77
C MET A 259 -12.82 -8.79 3.62
N THR A 260 -12.50 -10.06 3.38
CA THR A 260 -13.21 -10.87 2.36
C THR A 260 -14.72 -10.91 2.68
N HIS A 261 -15.06 -11.25 3.92
CA HIS A 261 -16.47 -11.29 4.34
C HIS A 261 -17.19 -9.94 4.37
N LEU A 262 -16.46 -8.87 4.71
CA LEU A 262 -17.01 -7.51 4.67
C LEU A 262 -17.40 -7.04 3.26
N MET A 263 -16.74 -7.54 2.21
CA MET A 263 -16.97 -7.10 0.82
C MET A 263 -18.40 -7.35 0.31
N ARG A 264 -19.07 -8.35 0.89
CA ARG A 264 -20.52 -8.57 0.69
C ARG A 264 -21.32 -7.27 0.88
N TYR A 265 -20.88 -6.44 1.80
CA TYR A 265 -21.52 -5.16 2.09
C TYR A 265 -20.87 -3.95 1.38
N PHE A 266 -19.97 -4.23 0.44
CA PHE A 266 -19.30 -3.18 -0.37
C PHE A 266 -19.27 -3.56 -1.86
N PRO A 267 -20.45 -3.68 -2.51
CA PRO A 267 -20.43 -3.98 -3.94
C PRO A 267 -19.93 -2.76 -4.77
N GLY A 268 -19.41 -3.02 -5.96
CA GLY A 268 -18.96 -1.96 -6.88
C GLY A 268 -17.46 -1.70 -6.93
N ALA A 269 -16.65 -2.56 -6.28
CA ALA A 269 -15.18 -2.40 -6.29
C ALA A 269 -14.57 -2.57 -7.70
N ASP A 270 -15.31 -3.25 -8.58
CA ASP A 270 -14.89 -3.47 -9.99
C ASP A 270 -15.13 -2.25 -10.92
N GLU A 271 -15.75 -1.19 -10.40
CA GLU A 271 -15.95 0.03 -11.20
C GLU A 271 -14.65 0.82 -11.37
N PRO A 272 -14.24 1.10 -12.63
CA PRO A 272 -13.01 1.86 -12.85
C PRO A 272 -13.12 3.25 -12.28
N LEU A 273 -11.99 3.83 -11.89
CA LEU A 273 -11.91 5.24 -11.49
C LEU A 273 -12.07 6.06 -12.77
N GLN A 274 -13.10 6.89 -12.82
CA GLN A 274 -13.44 7.59 -14.06
C GLN A 274 -14.19 8.88 -13.79
N TYR A 275 -14.69 9.02 -12.57
CA TYR A 275 -15.49 10.19 -12.23
C TYR A 275 -14.59 11.21 -11.56
N PRO A 276 -14.84 12.50 -11.86
CA PRO A 276 -14.02 13.55 -11.30
C PRO A 276 -14.42 13.83 -9.85
N CYS A 277 -13.56 14.55 -9.14
CA CYS A 277 -13.78 14.84 -7.75
C CYS A 277 -13.07 16.14 -7.48
N GLN A 278 -13.72 16.97 -6.68
CA GLN A 278 -13.10 18.19 -6.21
C GLN A 278 -13.11 18.01 -4.70
N HIS A 279 -11.91 17.88 -4.13
CA HIS A 279 -11.75 17.45 -2.75
C HIS A 279 -10.87 18.40 -1.94
N SER A 280 -11.42 18.89 -0.82
CA SER A 280 -10.64 19.59 0.21
C SER A 280 -11.10 19.19 1.63
N LEU A 281 -10.21 19.37 2.60
CA LEU A 281 -10.43 18.83 3.95
C LEU A 281 -11.03 19.81 4.97
N PRO A 282 -12.22 19.47 5.53
CA PRO A 282 -12.67 20.17 6.73
C PRO A 282 -11.93 19.65 7.97
N PRO A 283 -11.50 20.54 8.90
CA PRO A 283 -10.88 20.04 10.14
C PRO A 283 -11.86 19.25 11.03
N GLY A 284 -11.33 18.49 11.99
CA GLY A 284 -12.13 17.65 12.88
C GLY A 284 -13.06 18.41 13.80
N GLU A 285 -14.36 18.11 13.72
CA GLU A 285 -15.41 18.78 14.51
C GLU A 285 -15.25 18.56 16.02
N ASP A 286 -15.14 17.29 16.43
CA ASP A 286 -14.75 16.92 17.79
C ASP A 286 -13.26 16.54 17.75
N GLY A 287 -12.91 15.40 18.36
CA GLY A 287 -11.60 14.78 18.16
C GLY A 287 -11.61 13.82 16.98
N ARG A 288 -12.77 13.68 16.34
CA ARG A 288 -12.97 12.73 15.24
C ARG A 288 -12.91 13.42 13.87
N VAL A 289 -12.69 12.65 12.83
CA VAL A 289 -12.74 13.15 11.45
C VAL A 289 -13.89 12.49 10.67
N GLU A 290 -14.37 13.18 9.64
CA GLU A 290 -15.34 12.62 8.72
C GLU A 290 -14.66 11.62 7.79
N PRO A 291 -15.36 10.53 7.42
CA PRO A 291 -14.76 9.73 6.34
C PRO A 291 -14.89 10.48 5.01
N TYR A 292 -13.92 10.28 4.11
CA TYR A 292 -14.11 10.70 2.72
C TYR A 292 -15.21 9.83 2.07
N VAL A 293 -15.13 8.53 2.26
CA VAL A 293 -16.13 7.59 1.71
C VAL A 293 -17.45 7.61 2.49
N ASP A 294 -18.50 7.03 1.94
CA ASP A 294 -19.83 7.05 2.56
C ASP A 294 -20.20 5.64 3.00
N PHE A 295 -20.68 5.50 4.24
CA PHE A 295 -21.06 4.17 4.77
C PHE A 295 -22.57 3.93 4.86
N ALA A 296 -23.39 4.93 4.47
CA ALA A 296 -24.85 4.75 4.48
C ALA A 296 -25.28 3.46 3.75
N GLU A 297 -24.75 3.21 2.56
CA GLU A 297 -25.06 1.98 1.84
C GLU A 297 -24.61 0.68 2.58
N PHE A 298 -23.42 0.69 3.16
CA PHE A 298 -22.99 -0.44 4.01
C PHE A 298 -24.05 -0.77 5.06
N TYR A 299 -24.51 0.24 5.80
CA TYR A 299 -25.47 0.06 6.90
C TYR A 299 -26.81 -0.46 6.41
N ARG A 300 -27.24 -0.01 5.23
CA ARG A 300 -28.48 -0.49 4.60
C ARG A 300 -28.36 -1.95 4.23
N LEU A 301 -27.26 -2.31 3.56
CA LEU A 301 -27.03 -3.70 3.15
C LEU A 301 -26.83 -4.64 4.35
N TRP A 302 -26.16 -4.15 5.39
CA TRP A 302 -26.01 -4.90 6.64
C TRP A 302 -27.39 -5.18 7.27
N SER A 303 -28.20 -4.13 7.39
CA SER A 303 -29.54 -4.23 7.97
C SER A 303 -30.44 -5.22 7.24
N VAL A 304 -30.39 -5.24 5.91
CA VAL A 304 -31.15 -6.20 5.12
C VAL A 304 -30.72 -7.64 5.46
N ASP A 305 -29.42 -7.85 5.54
CA ASP A 305 -28.85 -9.18 5.79
C ASP A 305 -29.16 -9.69 7.19
N HIS A 306 -29.15 -8.78 8.19
CA HIS A 306 -29.25 -9.13 9.61
C HIS A 306 -30.65 -8.91 10.22
N GLY A 307 -31.27 -7.76 9.94
CA GLY A 307 -32.64 -7.46 10.39
C GLY A 307 -32.73 -6.28 11.33
C2 6KC B . 6.82 1.10 -9.98
C3 6KC B . 7.49 -0.02 -9.55
C4 6KC B . 8.28 0.00 -8.37
C6 6KC B . 7.61 2.32 -8.22
N1 6KC B . 6.87 2.34 -9.30
C8 6KC B . 6.29 -0.56 -11.58
C9 6KC B . 6.11 0.76 -11.20
C10 6KC B . 3.73 4.01 -13.19
C11 6KC B . 2.98 5.10 -13.63
C12 6KC B . 2.99 6.30 -12.92
C13 6KC B . 3.76 6.41 -11.75
C14 6KC B . 4.52 5.32 -11.29
C15 6KC B . 5.31 5.49 -10.06
O79 6KC B . 8.90 -0.95 -7.91
N5 6KC B . 8.28 1.24 -7.74
S7 6KC B . 7.31 -1.42 -10.51
C18 6KC B . 5.27 1.70 -11.99
O19 6KC B . 4.62 1.28 -12.95
N20 6KC B . 5.28 2.99 -11.55
C21 6KC B . 4.50 4.10 -12.01
C64 6KC B . 4.71 5.50 -8.80
C63 6KC B . 5.45 5.68 -7.64
C62 6KC B . 6.82 5.86 -7.72
C61 6KC B . 7.45 5.85 -8.95
C60 6KC B . 6.70 5.67 -10.12
C17 6KC B . 2.16 7.48 -13.38
O16 6KC B . 1.86 8.35 -12.57
N22 6KC B . 1.75 7.53 -14.68
C53 6KC B . 2.71 7.90 -15.76
C52 6KC B . 2.34 9.20 -16.51
N51 6KC B . 0.96 9.15 -16.97
C71 6KC B . 0.64 10.30 -17.81
C50 6KC B . 0.07 9.06 -15.81
C49 6KC B . 0.32 7.74 -15.01
#